data_1ADD
#
_entry.id   1ADD
#
_cell.length_a   102.390
_cell.length_b   94.280
_cell.length_c   73.020
_cell.angle_alpha   90.00
_cell.angle_beta   127.05
_cell.angle_gamma   90.00
#
_symmetry.space_group_name_H-M   'C 1 2 1'
#
loop_
_entity.id
_entity.type
_entity.pdbx_description
1 polymer 'ADENOSINE DEAMINASE'
2 non-polymer 'ZINC ION'
3 non-polymer 1-DEAZA-ADENOSINE
4 water water
#
_entity_poly.entity_id   1
_entity_poly.type   'polypeptide(L)'
_entity_poly.pdbx_seq_one_letter_code
;TPAFNKPKVELHVHLDGAIKPETILYFGKKRGIALPADTVEELRNIIGMDKPLSLPGFLAKFDYYMPVIAGCREAIKRIA
YEFVEMKAKEGVVYVEVRYSPHLLANSKVDPMPWNQTEGDVTPDDVVDLVNQGLQEGEQAFGIKVRSILCCMRHQPSWSL
EVLELCKKYNQKTVVAMDLAGDETIEGSSLFPGHVEAYEGAVKNGIHRTVHAGEVGSPEVVREAVDILKTERVGHGYHTI
EDEALYNRLLKENMHFEVCPWSSYLTGAWDPKTTHAVVRFKNDKANYSLNTDDPLIFKSTLDTDYQMTKKDMGFTEEEFK
RLNINAAKSSFLPEEEKKELLERLYREYQ
;
_entity_poly.pdbx_strand_id   A
#
loop_
_chem_comp.id
_chem_comp.type
_chem_comp.name
_chem_comp.formula
1DA non-polymer 1-DEAZA-ADENOSINE 'C11 H14 N4 O4'
ZN non-polymer 'ZINC ION' 'Zn 2'
#
# COMPACT_ATOMS: atom_id res chain seq x y z
N THR A 1 -11.13 -9.64 21.51
CA THR A 1 -10.39 -8.49 21.99
C THR A 1 -9.50 -7.92 20.88
N PRO A 2 -10.05 -7.07 20.02
CA PRO A 2 -9.26 -6.60 18.90
C PRO A 2 -8.67 -5.20 19.05
N ALA A 3 -8.10 -4.88 20.21
CA ALA A 3 -7.51 -3.56 20.40
C ALA A 3 -8.46 -2.40 20.08
N PHE A 4 -8.74 -2.19 18.79
CA PHE A 4 -9.68 -1.15 18.39
C PHE A 4 -10.84 -1.77 17.63
N ASN A 5 -11.98 -1.89 18.30
CA ASN A 5 -13.14 -2.48 17.68
C ASN A 5 -14.07 -1.46 17.03
N LYS A 6 -13.53 -0.47 16.33
CA LYS A 6 -14.38 0.52 15.70
C LYS A 6 -13.97 0.69 14.26
N PRO A 7 -14.87 1.16 13.40
CA PRO A 7 -14.51 1.44 12.02
C PRO A 7 -13.07 1.92 11.88
N LYS A 8 -12.46 1.67 10.74
CA LYS A 8 -11.10 2.09 10.54
C LYS A 8 -10.87 2.58 9.14
N VAL A 9 -9.70 3.16 8.88
CA VAL A 9 -9.39 3.64 7.54
C VAL A 9 -7.95 3.25 7.23
N GLU A 10 -7.77 2.53 6.11
CA GLU A 10 -6.45 2.10 5.71
C GLU A 10 -5.99 2.76 4.43
N LEU A 11 -4.89 3.50 4.54
CA LEU A 11 -4.33 4.21 3.40
C LEU A 11 -3.13 3.53 2.75
N HIS A 12 -2.60 2.48 3.38
CA HIS A 12 -1.42 1.84 2.84
C HIS A 12 -1.44 0.29 2.88
N VAL A 13 -1.74 -0.32 1.75
CA VAL A 13 -1.78 -1.77 1.69
C VAL A 13 -1.72 -2.20 0.25
N HIS A 14 -0.73 -3.03 -0.08
CA HIS A 14 -0.57 -3.51 -1.45
C HIS A 14 -1.51 -4.65 -1.78
N LEU A 15 -2.14 -4.62 -2.95
CA LEU A 15 -3.07 -5.66 -3.31
C LEU A 15 -2.36 -6.99 -3.54
N ASP A 16 -1.31 -7.01 -4.37
CA ASP A 16 -0.57 -8.23 -4.60
C ASP A 16 0.13 -8.70 -3.33
N GLY A 17 0.08 -7.89 -2.27
CA GLY A 17 0.67 -8.31 -1.02
C GLY A 17 -0.43 -8.65 -0.03
N ALA A 18 -1.62 -8.97 -0.50
CA ALA A 18 -2.70 -9.28 0.41
C ALA A 18 -3.67 -10.26 -0.22
N ILE A 19 -3.10 -11.33 -0.77
CA ILE A 19 -3.87 -12.35 -1.41
C ILE A 19 -4.02 -13.56 -0.51
N LYS A 20 -5.18 -14.19 -0.57
CA LYS A 20 -5.39 -15.36 0.26
C LYS A 20 -4.47 -16.50 -0.19
N PRO A 21 -3.91 -17.27 0.75
CA PRO A 21 -3.02 -18.37 0.37
C PRO A 21 -3.78 -19.46 -0.36
N GLU A 22 -5.10 -19.43 -0.22
CA GLU A 22 -5.93 -20.43 -0.85
C GLU A 22 -6.14 -20.10 -2.33
N THR A 23 -6.27 -18.81 -2.66
CA THR A 23 -6.45 -18.45 -4.04
C THR A 23 -5.17 -18.63 -4.84
N ILE A 24 -4.00 -18.54 -4.16
CA ILE A 24 -2.72 -18.71 -4.82
C ILE A 24 -2.55 -20.17 -5.19
N LEU A 25 -3.03 -21.03 -4.29
CA LEU A 25 -2.97 -22.46 -4.50
C LEU A 25 -3.92 -22.89 -5.59
N TYR A 26 -5.09 -22.26 -5.61
CA TYR A 26 -6.09 -22.59 -6.60
C TYR A 26 -5.63 -22.26 -7.99
N PHE A 27 -5.05 -21.09 -8.21
CA PHE A 27 -4.62 -20.77 -9.55
C PHE A 27 -3.32 -21.45 -9.92
N GLY A 28 -2.54 -21.91 -8.94
CA GLY A 28 -1.29 -22.57 -9.27
C GLY A 28 -1.59 -23.94 -9.85
N LYS A 29 -2.61 -24.59 -9.31
CA LYS A 29 -3.01 -25.90 -9.80
C LYS A 29 -3.79 -25.77 -11.10
N LYS A 30 -4.69 -24.80 -11.16
CA LYS A 30 -5.49 -24.62 -12.35
C LYS A 30 -4.66 -24.19 -13.55
N ARG A 31 -3.53 -23.56 -13.32
CA ARG A 31 -2.73 -23.14 -14.46
C ARG A 31 -1.53 -24.06 -14.63
N GLY A 32 -1.28 -24.91 -13.65
CA GLY A 32 -0.15 -25.79 -13.75
C GLY A 32 1.17 -25.07 -13.54
N ILE A 33 1.10 -23.96 -12.80
CA ILE A 33 2.32 -23.21 -12.52
C ILE A 33 2.80 -23.66 -11.15
N ALA A 34 4.10 -23.82 -10.95
CA ALA A 34 4.56 -24.32 -9.67
C ALA A 34 4.55 -23.32 -8.52
N LEU A 35 4.44 -23.88 -7.32
CA LEU A 35 4.44 -23.08 -6.11
C LEU A 35 5.43 -23.73 -5.16
N PRO A 36 6.04 -23.00 -4.23
CA PRO A 36 6.96 -23.61 -3.29
C PRO A 36 6.30 -24.61 -2.36
N ALA A 37 4.97 -24.69 -2.34
CA ALA A 37 4.32 -25.64 -1.44
C ALA A 37 2.94 -26.01 -1.93
N ASP A 38 2.37 -27.10 -1.40
CA ASP A 38 1.05 -27.52 -1.86
C ASP A 38 0.06 -27.59 -0.71
N THR A 39 0.25 -26.72 0.26
CA THR A 39 -0.62 -26.68 1.42
C THR A 39 -0.71 -25.23 1.86
N VAL A 40 -1.91 -24.66 2.07
CA VAL A 40 -1.92 -23.26 2.45
C VAL A 40 -1.06 -23.03 3.66
N GLU A 41 -0.90 -24.05 4.48
CA GLU A 41 -0.08 -23.91 5.66
C GLU A 41 1.39 -23.83 5.31
N GLU A 42 1.90 -24.78 4.52
CA GLU A 42 3.30 -24.72 4.15
C GLU A 42 3.54 -23.58 3.18
N LEU A 43 2.49 -23.15 2.49
CA LEU A 43 2.62 -22.07 1.56
C LEU A 43 2.65 -20.76 2.32
N ARG A 44 2.12 -20.80 3.54
CA ARG A 44 2.11 -19.62 4.38
C ARG A 44 3.47 -19.45 5.03
N ASN A 45 4.19 -20.53 5.26
CA ASN A 45 5.50 -20.41 5.88
C ASN A 45 6.59 -20.08 4.88
N ILE A 46 6.42 -20.45 3.61
CA ILE A 46 7.43 -20.13 2.62
C ILE A 46 7.30 -18.69 2.18
N ILE A 47 6.05 -18.23 1.97
CA ILE A 47 5.84 -16.86 1.54
C ILE A 47 5.89 -15.86 2.67
N GLY A 48 5.59 -16.30 3.88
CA GLY A 48 5.58 -15.40 5.02
C GLY A 48 6.93 -15.27 5.72
N MET A 49 7.05 -14.24 6.57
CA MET A 49 8.29 -14.04 7.28
C MET A 49 8.04 -14.11 8.77
N ASP A 50 8.97 -14.69 9.51
CA ASP A 50 8.81 -14.77 10.95
C ASP A 50 9.78 -13.82 11.62
N LYS A 51 10.95 -13.64 11.02
CA LYS A 51 11.95 -12.74 11.58
C LYS A 51 12.29 -11.67 10.57
N PRO A 52 13.07 -10.67 10.98
CA PRO A 52 13.37 -9.61 10.04
C PRO A 52 14.31 -10.02 8.94
N LEU A 53 13.99 -9.52 7.76
CA LEU A 53 14.79 -9.78 6.58
C LEU A 53 15.37 -8.44 6.16
N SER A 54 15.17 -8.06 4.91
CA SER A 54 15.67 -6.79 4.44
C SER A 54 14.73 -6.33 3.33
N LEU A 55 14.81 -5.08 2.87
CA LEU A 55 13.86 -4.72 1.84
C LEU A 55 14.02 -5.58 0.62
N PRO A 56 15.25 -5.86 0.19
CA PRO A 56 15.41 -6.66 -1.02
C PRO A 56 15.18 -8.14 -0.79
N GLY A 57 15.27 -8.57 0.46
CA GLY A 57 15.03 -9.97 0.76
C GLY A 57 13.54 -10.23 0.88
N PHE A 58 12.80 -9.28 1.45
CA PHE A 58 11.37 -9.46 1.61
C PHE A 58 10.67 -9.27 0.27
N LEU A 59 11.24 -8.46 -0.62
CA LEU A 59 10.60 -8.24 -1.91
C LEU A 59 10.64 -9.46 -2.81
N ALA A 60 11.56 -10.40 -2.53
CA ALA A 60 11.67 -11.59 -3.36
C ALA A 60 10.54 -12.55 -3.11
N LYS A 61 9.98 -12.51 -1.91
CA LYS A 61 8.87 -13.39 -1.62
C LYS A 61 7.86 -13.40 -2.75
N PHE A 62 7.60 -12.23 -3.33
CA PHE A 62 6.65 -12.14 -4.41
C PHE A 62 6.95 -13.13 -5.54
N ASP A 63 8.22 -13.33 -5.86
CA ASP A 63 8.59 -14.26 -6.92
C ASP A 63 7.92 -15.62 -6.76
N TYR A 64 7.56 -15.98 -5.55
CA TYR A 64 6.92 -17.26 -5.32
C TYR A 64 5.53 -17.39 -5.90
N TYR A 65 4.70 -16.34 -5.83
CA TYR A 65 3.33 -16.47 -6.30
C TYR A 65 2.87 -15.51 -7.38
N MET A 66 3.47 -14.35 -7.55
CA MET A 66 2.99 -13.46 -8.60
C MET A 66 2.79 -14.17 -9.92
N PRO A 67 3.53 -15.22 -10.27
CA PRO A 67 3.34 -15.80 -11.61
C PRO A 67 2.04 -16.57 -11.74
N VAL A 68 1.45 -16.95 -10.61
CA VAL A 68 0.19 -17.66 -10.59
C VAL A 68 -0.98 -16.71 -10.88
N ILE A 69 -0.84 -15.45 -10.49
CA ILE A 69 -1.87 -14.45 -10.73
C ILE A 69 -1.68 -13.75 -12.06
N ALA A 70 -0.53 -13.10 -12.23
CA ALA A 70 -0.27 -12.38 -13.45
C ALA A 70 -0.70 -13.07 -14.72
N GLY A 71 -1.38 -12.34 -15.59
CA GLY A 71 -1.81 -12.91 -16.85
C GLY A 71 -3.21 -13.50 -16.82
N CYS A 72 -3.74 -13.89 -15.66
CA CYS A 72 -5.08 -14.44 -15.67
C CYS A 72 -6.15 -13.42 -15.29
N ARG A 73 -7.07 -13.11 -16.22
CA ARG A 73 -8.12 -12.16 -15.90
C ARG A 73 -8.97 -12.65 -14.74
N GLU A 74 -9.35 -13.90 -14.79
CA GLU A 74 -10.17 -14.44 -13.73
C GLU A 74 -9.51 -14.27 -12.36
N ALA A 75 -8.19 -14.42 -12.29
CA ALA A 75 -7.53 -14.31 -11.01
C ALA A 75 -7.39 -12.87 -10.53
N ILE A 76 -7.02 -11.97 -11.44
CA ILE A 76 -6.87 -10.57 -11.11
C ILE A 76 -8.16 -9.99 -10.58
N LYS A 77 -9.27 -10.30 -11.25
CA LYS A 77 -10.54 -9.79 -10.79
C LYS A 77 -10.97 -10.44 -9.49
N ARG A 78 -10.58 -11.69 -9.28
CA ARG A 78 -10.95 -12.38 -8.07
C ARG A 78 -10.20 -11.85 -6.87
N ILE A 79 -8.89 -11.65 -7.00
CA ILE A 79 -8.13 -11.15 -5.87
C ILE A 79 -8.60 -9.79 -5.44
N ALA A 80 -9.03 -8.95 -6.38
CA ALA A 80 -9.53 -7.63 -6.03
C ALA A 80 -10.84 -7.76 -5.26
N TYR A 81 -11.72 -8.63 -5.72
CA TYR A 81 -12.98 -8.84 -5.04
C TYR A 81 -12.78 -9.38 -3.63
N GLU A 82 -11.86 -10.31 -3.42
CA GLU A 82 -11.66 -10.84 -2.07
C GLU A 82 -10.96 -9.85 -1.16
N PHE A 83 -10.14 -8.98 -1.73
CA PHE A 83 -9.45 -8.01 -0.92
C PHE A 83 -10.47 -7.17 -0.16
N VAL A 84 -11.53 -6.76 -0.85
CA VAL A 84 -12.55 -5.97 -0.19
C VAL A 84 -13.13 -6.74 0.96
N GLU A 85 -13.50 -7.99 0.66
CA GLU A 85 -14.07 -8.86 1.65
C GLU A 85 -13.19 -8.93 2.87
N MET A 86 -11.89 -9.03 2.66
CA MET A 86 -10.96 -9.10 3.77
C MET A 86 -11.05 -7.84 4.63
N LYS A 87 -10.96 -6.69 3.97
CA LYS A 87 -11.01 -5.43 4.67
C LYS A 87 -12.36 -5.17 5.29
N ALA A 88 -13.40 -5.78 4.74
CA ALA A 88 -14.72 -5.58 5.29
C ALA A 88 -14.82 -6.26 6.64
N LYS A 89 -14.21 -7.43 6.77
CA LYS A 89 -14.26 -8.14 8.03
C LYS A 89 -13.36 -7.48 9.06
N GLU A 90 -12.26 -6.89 8.61
CA GLU A 90 -11.34 -6.25 9.53
C GLU A 90 -11.97 -5.04 10.20
N GLY A 91 -13.15 -4.61 9.76
CA GLY A 91 -13.79 -3.45 10.36
C GLY A 91 -13.33 -2.16 9.72
N VAL A 92 -12.84 -2.26 8.48
CA VAL A 92 -12.35 -1.11 7.75
C VAL A 92 -13.47 -0.56 6.91
N VAL A 93 -13.79 0.74 7.03
CA VAL A 93 -14.86 1.27 6.22
C VAL A 93 -14.38 1.88 4.92
N TYR A 94 -13.16 2.46 4.90
CA TYR A 94 -12.63 3.00 3.66
C TYR A 94 -11.19 2.55 3.44
N VAL A 95 -10.87 2.03 2.25
CA VAL A 95 -9.51 1.58 1.96
C VAL A 95 -9.01 2.16 0.67
N GLU A 96 -7.69 2.26 0.60
CA GLU A 96 -7.05 2.70 -0.62
C GLU A 96 -5.97 1.67 -0.91
N VAL A 97 -6.31 0.76 -1.84
CA VAL A 97 -5.39 -0.29 -2.23
C VAL A 97 -4.43 0.21 -3.28
N ARG A 98 -3.21 -0.37 -3.31
CA ARG A 98 -2.23 0.04 -4.31
C ARG A 98 -1.56 -1.17 -4.96
N TYR A 99 -1.36 -1.12 -6.26
CA TYR A 99 -0.72 -2.24 -6.93
C TYR A 99 -0.09 -1.78 -8.22
N SER A 100 0.88 -2.53 -8.70
CA SER A 100 1.47 -2.16 -9.95
C SER A 100 0.67 -2.82 -11.04
N PRO A 101 0.18 -2.07 -12.01
CA PRO A 101 -0.57 -2.68 -13.09
C PRO A 101 0.36 -3.43 -14.05
N HIS A 102 1.60 -2.96 -14.20
CA HIS A 102 2.51 -3.64 -15.11
C HIS A 102 2.98 -4.98 -14.59
N LEU A 103 3.01 -5.19 -13.29
CA LEU A 103 3.48 -6.47 -12.81
C LEU A 103 2.45 -7.56 -12.96
N LEU A 104 1.21 -7.21 -13.28
CA LEU A 104 0.19 -8.24 -13.42
C LEU A 104 -0.21 -8.44 -14.87
N ALA A 105 0.40 -7.71 -15.80
CA ALA A 105 0.05 -7.88 -17.20
C ALA A 105 1.02 -8.82 -17.93
N ASN A 106 0.56 -9.38 -19.05
CA ASN A 106 1.43 -10.24 -19.84
C ASN A 106 1.46 -9.75 -21.27
N SER A 107 1.06 -8.53 -21.50
CA SER A 107 1.05 -8.02 -22.85
C SER A 107 1.33 -6.53 -22.85
N LYS A 108 2.10 -6.07 -23.83
CA LYS A 108 2.43 -4.66 -23.91
C LYS A 108 3.26 -4.21 -22.72
N VAL A 109 3.98 -5.13 -22.08
CA VAL A 109 4.76 -4.74 -20.95
C VAL A 109 6.25 -4.89 -21.20
N ASP A 110 6.82 -3.71 -21.37
CA ASP A 110 8.24 -3.50 -21.59
C ASP A 110 9.12 -4.70 -21.25
N PRO A 111 9.57 -4.89 -20.00
CA PRO A 111 10.22 -6.17 -19.74
C PRO A 111 9.21 -7.14 -19.16
N MET A 112 8.86 -8.19 -19.91
CA MET A 112 7.88 -9.14 -19.42
C MET A 112 8.20 -9.59 -18.01
N PRO A 113 7.27 -9.42 -17.07
CA PRO A 113 7.53 -9.84 -15.70
C PRO A 113 7.22 -11.30 -15.50
N TRP A 114 7.99 -11.97 -14.63
CA TRP A 114 7.73 -13.37 -14.36
C TRP A 114 7.93 -14.32 -15.54
N ASN A 115 8.81 -13.97 -16.48
CA ASN A 115 9.03 -14.82 -17.64
C ASN A 115 7.74 -15.34 -18.21
N GLN A 116 6.80 -14.45 -18.50
CA GLN A 116 5.55 -14.90 -19.07
C GLN A 116 5.64 -14.97 -20.58
N THR A 117 4.62 -15.57 -21.20
CA THR A 117 4.55 -15.65 -22.63
C THR A 117 3.53 -14.62 -23.07
N GLU A 118 3.85 -13.80 -24.06
CA GLU A 118 2.90 -12.79 -24.48
C GLU A 118 1.47 -13.27 -24.43
N GLY A 119 0.55 -12.37 -24.09
CA GLY A 119 -0.84 -12.75 -24.01
C GLY A 119 -1.69 -11.56 -24.40
N ASP A 120 -2.83 -11.38 -23.78
CA ASP A 120 -3.63 -10.23 -24.12
C ASP A 120 -4.01 -9.39 -22.91
N VAL A 121 -3.53 -9.75 -21.71
CA VAL A 121 -3.84 -8.95 -20.55
C VAL A 121 -2.90 -7.77 -20.47
N THR A 122 -3.37 -6.66 -21.01
CA THR A 122 -2.62 -5.42 -21.06
C THR A 122 -2.64 -4.68 -19.73
N PRO A 123 -1.78 -3.70 -19.51
CA PRO A 123 -1.82 -3.01 -18.22
C PRO A 123 -3.15 -2.27 -18.04
N ASP A 124 -3.63 -1.66 -19.12
CA ASP A 124 -4.91 -0.98 -19.05
C ASP A 124 -5.97 -2.00 -18.72
N ASP A 125 -5.75 -3.25 -19.16
CA ASP A 125 -6.72 -4.28 -18.89
C ASP A 125 -6.70 -4.67 -17.43
N VAL A 126 -5.58 -4.54 -16.72
CA VAL A 126 -5.63 -4.94 -15.33
C VAL A 126 -6.19 -3.87 -14.42
N VAL A 127 -6.08 -2.58 -14.79
CA VAL A 127 -6.67 -1.56 -13.93
C VAL A 127 -8.19 -1.71 -14.00
N ASP A 128 -8.67 -2.06 -15.18
CA ASP A 128 -10.09 -2.27 -15.38
C ASP A 128 -10.59 -3.47 -14.58
N LEU A 129 -9.92 -4.61 -14.73
CA LEU A 129 -10.29 -5.80 -14.00
C LEU A 129 -10.35 -5.51 -12.51
N VAL A 130 -9.28 -4.91 -11.97
CA VAL A 130 -9.25 -4.60 -10.57
C VAL A 130 -10.36 -3.63 -10.20
N ASN A 131 -10.77 -2.77 -11.14
CA ASN A 131 -11.84 -1.83 -10.86
C ASN A 131 -13.14 -2.58 -10.70
N GLN A 132 -13.35 -3.56 -11.58
CA GLN A 132 -14.55 -4.39 -11.53
C GLN A 132 -14.65 -5.16 -10.22
N GLY A 133 -13.58 -5.86 -9.85
CA GLY A 133 -13.64 -6.64 -8.64
C GLY A 133 -13.85 -5.79 -7.40
N LEU A 134 -13.22 -4.63 -7.38
CA LEU A 134 -13.34 -3.73 -6.25
C LEU A 134 -14.74 -3.18 -6.14
N GLN A 135 -15.35 -2.93 -7.30
CA GLN A 135 -16.70 -2.41 -7.33
C GLN A 135 -17.68 -3.48 -6.88
N GLU A 136 -17.47 -4.71 -7.30
CA GLU A 136 -18.37 -5.78 -6.88
C GLU A 136 -18.31 -5.94 -5.39
N GLY A 137 -17.09 -6.03 -4.89
CA GLY A 137 -16.92 -6.20 -3.46
C GLY A 137 -17.58 -5.07 -2.71
N GLU A 138 -17.57 -3.88 -3.30
CA GLU A 138 -18.19 -2.75 -2.63
C GLU A 138 -19.69 -2.94 -2.53
N GLN A 139 -20.31 -3.45 -3.59
CA GLN A 139 -21.74 -3.66 -3.55
C GLN A 139 -22.07 -4.84 -2.67
N ALA A 140 -21.14 -5.77 -2.56
CA ALA A 140 -21.39 -6.95 -1.77
C ALA A 140 -21.04 -6.85 -0.29
N PHE A 141 -20.09 -6.00 0.09
CA PHE A 141 -19.75 -5.93 1.50
C PHE A 141 -20.09 -4.63 2.18
N GLY A 142 -20.23 -3.58 1.38
CA GLY A 142 -20.60 -2.29 1.95
C GLY A 142 -19.46 -1.38 2.40
N ILE A 143 -18.27 -1.49 1.79
CA ILE A 143 -17.22 -0.57 2.18
C ILE A 143 -16.69 0.16 0.97
N LYS A 144 -16.29 1.41 1.18
CA LYS A 144 -15.78 2.19 0.09
C LYS A 144 -14.34 1.77 -0.18
N VAL A 145 -13.93 1.69 -1.44
CA VAL A 145 -12.58 1.27 -1.74
C VAL A 145 -12.05 1.95 -2.98
N ARG A 146 -10.92 2.64 -2.88
CA ARG A 146 -10.35 3.27 -4.05
C ARG A 146 -8.94 2.74 -4.28
N SER A 147 -8.38 2.90 -5.47
CA SER A 147 -7.05 2.38 -5.67
C SER A 147 -5.97 3.42 -5.92
N ILE A 148 -4.73 2.94 -5.87
CA ILE A 148 -3.56 3.77 -6.07
C ILE A 148 -2.59 2.99 -6.96
N LEU A 149 -2.33 3.49 -8.17
CA LEU A 149 -1.39 2.81 -9.04
C LEU A 149 0.04 3.14 -8.65
N CYS A 150 0.91 2.13 -8.74
CA CYS A 150 2.31 2.29 -8.38
C CYS A 150 3.28 2.37 -9.55
N CYS A 151 4.32 3.16 -9.32
CA CYS A 151 5.41 3.32 -10.24
C CYS A 151 6.50 2.51 -9.58
N MET A 152 7.14 1.61 -10.31
CA MET A 152 8.17 0.80 -9.67
C MET A 152 9.52 1.47 -9.77
N ARG A 153 10.17 1.69 -8.64
CA ARG A 153 11.47 2.37 -8.63
C ARG A 153 12.44 1.88 -9.69
N HIS A 154 12.55 0.56 -9.86
CA HIS A 154 13.47 0.01 -10.83
C HIS A 154 13.06 0.24 -12.27
N GLN A 155 11.76 0.41 -12.54
CA GLN A 155 11.32 0.60 -13.91
C GLN A 155 10.71 1.97 -14.14
N PRO A 156 11.57 2.94 -14.45
CA PRO A 156 11.09 4.29 -14.67
C PRO A 156 10.33 4.44 -15.97
N SER A 157 10.69 3.64 -16.96
CA SER A 157 10.03 3.74 -18.25
C SER A 157 8.54 3.47 -18.16
N TRP A 158 8.13 2.73 -17.15
CA TRP A 158 6.71 2.41 -16.97
C TRP A 158 5.97 3.62 -16.41
N SER A 159 6.65 4.40 -15.58
CA SER A 159 6.03 5.54 -14.93
C SER A 159 5.08 6.39 -15.75
N LEU A 160 5.46 6.89 -16.92
CA LEU A 160 4.51 7.72 -17.64
C LEU A 160 3.24 6.98 -17.97
N GLU A 161 3.29 5.67 -18.22
CA GLU A 161 2.04 4.97 -18.51
C GLU A 161 1.20 4.90 -17.25
N VAL A 162 1.83 4.72 -16.09
CA VAL A 162 1.04 4.69 -14.88
C VAL A 162 0.28 6.01 -14.76
N LEU A 163 0.92 7.12 -15.14
CA LEU A 163 0.26 8.41 -15.07
C LEU A 163 -0.91 8.47 -16.01
N GLU A 164 -0.80 7.85 -17.18
CA GLU A 164 -1.90 7.90 -18.11
C GLU A 164 -3.03 7.01 -17.63
N LEU A 165 -2.70 5.94 -16.93
CA LEU A 165 -3.74 5.06 -16.45
C LEU A 165 -4.54 5.78 -15.38
N CYS A 166 -3.84 6.57 -14.57
CA CYS A 166 -4.47 7.32 -13.51
C CYS A 166 -5.43 8.34 -14.09
N LYS A 167 -4.99 9.08 -15.11
CA LYS A 167 -5.84 10.07 -15.73
C LYS A 167 -7.05 9.42 -16.37
N LYS A 168 -6.85 8.24 -16.92
CA LYS A 168 -7.94 7.56 -17.58
C LYS A 168 -8.91 6.93 -16.61
N TYR A 169 -8.46 6.42 -15.49
CA TYR A 169 -9.38 5.79 -14.56
C TYR A 169 -9.64 6.67 -13.35
N ASN A 170 -9.44 7.97 -13.49
CA ASN A 170 -9.63 8.89 -12.38
C ASN A 170 -10.97 8.70 -11.68
N GLN A 171 -10.91 8.53 -10.35
CA GLN A 171 -12.09 8.32 -9.53
C GLN A 171 -12.79 6.99 -9.80
N LYS A 172 -12.56 6.39 -10.97
CA LYS A 172 -13.14 5.09 -11.29
C LYS A 172 -12.29 4.08 -10.55
N THR A 173 -12.30 4.30 -9.25
CA THR A 173 -11.52 3.59 -8.26
C THR A 173 -10.13 4.18 -8.19
N VAL A 174 -9.57 4.68 -9.30
CA VAL A 174 -8.22 5.19 -9.16
C VAL A 174 -8.19 6.62 -8.63
N VAL A 175 -7.51 6.80 -7.51
CA VAL A 175 -7.44 8.12 -6.91
C VAL A 175 -6.03 8.68 -6.77
N ALA A 176 -4.97 7.88 -6.98
CA ALA A 176 -3.65 8.45 -6.83
C ALA A 176 -2.55 7.64 -7.51
N MET A 177 -1.32 8.12 -7.36
CA MET A 177 -0.16 7.47 -7.94
C MET A 177 0.86 7.23 -6.84
N ASP A 178 1.67 6.16 -6.93
CA ASP A 178 2.64 5.87 -5.89
C ASP A 178 3.97 5.44 -6.48
N LEU A 179 5.01 5.46 -5.67
CA LEU A 179 6.31 5.00 -6.12
C LEU A 179 6.82 3.99 -5.12
N ALA A 180 6.70 2.70 -5.49
CA ALA A 180 7.16 1.67 -4.59
C ALA A 180 8.30 0.88 -5.17
N GLY A 181 8.70 -0.21 -4.52
CA GLY A 181 9.80 -1.00 -5.04
C GLY A 181 11.00 -0.94 -4.14
N ASP A 182 12.16 -1.22 -4.70
CA ASP A 182 13.36 -1.21 -3.89
C ASP A 182 13.85 0.19 -3.59
N GLU A 183 13.69 0.61 -2.36
CA GLU A 183 14.13 1.93 -1.98
C GLU A 183 15.63 2.01 -1.88
N THR A 184 16.33 0.89 -1.66
CA THR A 184 17.78 0.93 -1.52
C THR A 184 18.47 1.28 -2.83
N ILE A 185 17.75 1.31 -3.92
CA ILE A 185 18.38 1.66 -5.18
C ILE A 185 18.74 3.13 -5.14
N GLU A 186 20.04 3.41 -5.18
CA GLU A 186 20.50 4.78 -5.10
C GLU A 186 19.98 5.70 -6.21
N GLY A 187 19.45 6.85 -5.80
CA GLY A 187 18.95 7.84 -6.73
C GLY A 187 17.73 7.40 -7.53
N SER A 188 17.00 6.37 -7.07
CA SER A 188 15.84 5.91 -7.82
C SER A 188 14.70 6.91 -7.75
N SER A 189 14.66 7.73 -6.70
CA SER A 189 13.61 8.71 -6.61
C SER A 189 13.83 9.84 -7.60
N LEU A 190 15.01 9.90 -8.17
CA LEU A 190 15.32 10.98 -9.09
C LEU A 190 15.38 10.56 -10.55
N PHE A 191 15.18 9.28 -10.87
CA PHE A 191 15.23 8.90 -12.28
C PHE A 191 14.28 9.78 -13.06
N PRO A 192 14.59 10.12 -14.30
CA PRO A 192 13.74 11.07 -14.99
C PRO A 192 12.32 10.58 -15.23
N GLY A 193 12.15 9.29 -15.52
CA GLY A 193 10.80 8.81 -15.75
C GLY A 193 9.91 9.10 -14.55
N HIS A 194 10.41 8.82 -13.34
CA HIS A 194 9.62 9.07 -12.16
C HIS A 194 9.39 10.56 -11.98
N VAL A 195 10.47 11.34 -12.00
CA VAL A 195 10.35 12.77 -11.86
C VAL A 195 9.37 13.34 -12.88
N GLU A 196 9.41 12.87 -14.11
CA GLU A 196 8.49 13.39 -15.12
C GLU A 196 7.05 13.02 -14.81
N ALA A 197 6.81 11.78 -14.39
CA ALA A 197 5.45 11.38 -14.11
C ALA A 197 4.86 12.19 -12.99
N TYR A 198 5.62 12.40 -11.93
CA TYR A 198 5.10 13.17 -10.83
C TYR A 198 4.89 14.62 -11.23
N GLU A 199 5.67 15.15 -12.19
CA GLU A 199 5.49 16.51 -12.62
C GLU A 199 4.18 16.60 -13.38
N GLY A 200 3.83 15.49 -14.04
CA GLY A 200 2.60 15.45 -14.79
C GLY A 200 1.46 15.21 -13.83
N ALA A 201 1.74 14.59 -12.70
CA ALA A 201 0.69 14.35 -11.74
C ALA A 201 0.35 15.65 -11.05
N VAL A 202 1.33 16.54 -10.96
CA VAL A 202 1.07 17.81 -10.30
C VAL A 202 0.27 18.76 -11.16
N LYS A 203 0.47 18.70 -12.48
CA LYS A 203 -0.26 19.61 -13.34
C LYS A 203 -1.60 19.05 -13.80
N ASN A 204 -1.80 17.75 -13.68
CA ASN A 204 -3.08 17.21 -14.11
C ASN A 204 -4.02 17.01 -12.93
N GLY A 205 -3.53 17.29 -11.72
CA GLY A 205 -4.38 17.15 -10.55
C GLY A 205 -4.44 15.73 -9.98
N ILE A 206 -3.48 14.86 -10.32
CA ILE A 206 -3.51 13.51 -9.79
C ILE A 206 -2.83 13.45 -8.45
N HIS A 207 -3.53 12.94 -7.45
CA HIS A 207 -2.93 12.87 -6.14
C HIS A 207 -1.64 12.08 -6.16
N ARG A 208 -0.87 12.21 -5.09
CA ARG A 208 0.40 11.55 -5.04
C ARG A 208 0.74 11.03 -3.66
N THR A 209 1.48 9.94 -3.65
CA THR A 209 1.98 9.36 -2.41
C THR A 209 3.31 8.70 -2.77
N VAL A 210 4.28 8.73 -1.88
CA VAL A 210 5.56 8.16 -2.24
C VAL A 210 6.15 7.33 -1.14
N HIS A 211 6.56 6.08 -1.43
CA HIS A 211 7.18 5.26 -0.40
C HIS A 211 8.54 5.90 -0.13
N ALA A 212 8.76 6.37 1.10
CA ALA A 212 10.02 7.02 1.39
C ALA A 212 10.32 7.02 2.87
N GLY A 213 11.60 6.89 3.19
CA GLY A 213 11.98 6.87 4.58
C GLY A 213 11.70 5.53 5.22
N GLU A 214 11.19 4.59 4.46
CA GLU A 214 10.91 3.30 5.05
C GLU A 214 12.22 2.63 5.39
N VAL A 215 13.16 2.80 4.47
CA VAL A 215 14.47 2.23 4.66
C VAL A 215 15.57 3.16 4.15
N GLY A 216 15.21 4.29 3.55
CA GLY A 216 16.22 5.21 3.05
C GLY A 216 16.52 6.31 4.08
N SER A 217 17.39 7.25 3.73
CA SER A 217 17.73 8.33 4.65
C SER A 217 16.74 9.46 4.56
N PRO A 218 16.95 10.53 5.33
CA PRO A 218 16.01 11.64 5.27
C PRO A 218 16.06 12.34 3.94
N GLU A 219 17.19 12.26 3.25
CA GLU A 219 17.29 12.89 1.96
C GLU A 219 16.21 12.36 1.02
N VAL A 220 15.97 11.05 1.07
CA VAL A 220 14.96 10.46 0.21
C VAL A 220 13.60 11.08 0.50
N VAL A 221 13.21 11.16 1.77
CA VAL A 221 11.96 11.77 2.13
C VAL A 221 11.94 13.22 1.66
N ARG A 222 13.10 13.86 1.73
CA ARG A 222 13.19 15.24 1.30
C ARG A 222 12.98 15.35 -0.20
N GLU A 223 13.42 14.35 -0.95
CA GLU A 223 13.24 14.39 -2.38
C GLU A 223 11.79 14.08 -2.72
N ALA A 224 11.14 13.21 -1.95
CA ALA A 224 9.76 12.89 -2.23
C ALA A 224 8.85 14.07 -1.92
N VAL A 225 9.29 14.91 -0.97
CA VAL A 225 8.49 16.04 -0.57
C VAL A 225 8.74 17.29 -1.40
N ASP A 226 9.98 17.56 -1.74
CA ASP A 226 10.28 18.76 -2.50
C ASP A 226 10.34 18.60 -4.01
N ILE A 227 10.96 17.52 -4.49
CA ILE A 227 11.07 17.36 -5.92
C ILE A 227 9.91 16.60 -6.53
N LEU A 228 9.45 15.55 -5.85
CA LEU A 228 8.35 14.78 -6.38
C LEU A 228 7.01 15.40 -5.98
N LYS A 229 6.97 16.13 -4.87
CA LYS A 229 5.76 16.79 -4.44
C LYS A 229 4.68 15.87 -3.90
N THR A 230 5.05 14.93 -3.04
CA THR A 230 4.05 14.05 -2.49
C THR A 230 3.12 14.86 -1.65
N GLU A 231 1.97 14.23 -1.40
CA GLU A 231 1.00 14.82 -0.53
C GLU A 231 1.00 13.95 0.70
N ARG A 232 1.45 12.69 0.57
CA ARG A 232 1.55 11.79 1.71
C ARG A 232 2.90 11.10 1.68
N VAL A 233 3.41 10.61 2.80
CA VAL A 233 4.69 9.95 2.77
C VAL A 233 4.54 8.51 3.27
N GLY A 234 4.77 7.54 2.41
CA GLY A 234 4.66 6.15 2.85
C GLY A 234 5.77 5.77 3.82
N HIS A 235 5.42 5.57 5.09
CA HIS A 235 6.40 5.22 6.10
C HIS A 235 7.04 6.46 6.72
N GLY A 236 8.00 7.06 6.03
CA GLY A 236 8.65 8.26 6.53
C GLY A 236 9.23 8.11 7.93
N TYR A 237 9.60 6.90 8.34
CA TYR A 237 10.16 6.75 9.68
C TYR A 237 11.46 7.50 9.89
N HIS A 238 12.41 7.30 8.98
CA HIS A 238 13.69 7.94 9.12
C HIS A 238 13.63 9.44 9.08
N THR A 239 12.47 10.01 8.78
CA THR A 239 12.36 11.45 8.75
C THR A 239 12.76 12.07 10.09
N ILE A 240 12.51 11.38 11.20
CA ILE A 240 12.84 11.96 12.48
C ILE A 240 14.34 12.17 12.65
N GLU A 241 15.15 11.51 11.84
CA GLU A 241 16.60 11.69 11.96
C GLU A 241 17.08 13.07 11.55
N ASP A 242 16.31 13.75 10.70
CA ASP A 242 16.67 15.09 10.26
C ASP A 242 15.72 16.06 10.95
N GLU A 243 16.00 16.34 12.22
CA GLU A 243 15.15 17.21 13.01
C GLU A 243 14.55 18.40 12.28
N ALA A 244 15.30 19.06 11.41
CA ALA A 244 14.73 20.20 10.71
C ALA A 244 13.64 19.82 9.72
N LEU A 245 13.90 18.78 8.92
CA LEU A 245 12.94 18.34 7.93
C LEU A 245 11.70 17.74 8.59
N TYR A 246 11.89 17.16 9.75
CA TYR A 246 10.79 16.55 10.46
C TYR A 246 9.90 17.61 11.07
N ASN A 247 10.49 18.65 11.64
CA ASN A 247 9.68 19.68 12.24
C ASN A 247 8.98 20.49 11.19
N ARG A 248 9.52 20.51 9.98
CA ARG A 248 8.87 21.26 8.93
C ARG A 248 7.74 20.43 8.32
N LEU A 249 7.89 19.10 8.35
CA LEU A 249 6.86 18.23 7.82
C LEU A 249 5.73 18.18 8.83
N LEU A 250 6.10 18.40 10.09
CA LEU A 250 5.14 18.42 11.18
C LEU A 250 4.36 19.72 11.15
N LYS A 251 4.96 20.74 10.55
CA LYS A 251 4.31 22.03 10.46
C LYS A 251 3.35 22.08 9.27
N GLU A 252 3.73 21.52 8.12
CA GLU A 252 2.85 21.54 6.98
C GLU A 252 1.71 20.54 7.15
N ASN A 253 1.83 19.69 8.17
CA ASN A 253 0.82 18.68 8.45
C ASN A 253 0.92 17.44 7.56
N MET A 254 2.09 17.22 6.99
CA MET A 254 2.31 16.07 6.15
C MET A 254 1.76 14.80 6.79
N HIS A 255 1.10 13.96 5.99
CA HIS A 255 0.55 12.73 6.51
C HIS A 255 1.54 11.58 6.34
N PHE A 256 1.85 10.83 7.41
CA PHE A 256 2.78 9.72 7.32
C PHE A 256 2.06 8.37 7.37
N GLU A 257 1.98 7.63 6.26
CA GLU A 257 1.33 6.33 6.26
C GLU A 257 2.20 5.34 7.03
N VAL A 258 1.86 5.06 8.27
CA VAL A 258 2.68 4.17 9.06
C VAL A 258 2.25 2.72 9.00
N CYS A 259 3.22 1.84 9.10
CA CYS A 259 2.98 0.40 9.08
C CYS A 259 3.88 -0.24 10.12
N PRO A 260 3.41 -0.46 11.33
CA PRO A 260 4.37 -0.85 12.37
C PRO A 260 4.97 -2.24 12.19
N TRP A 261 4.13 -3.29 12.20
CA TRP A 261 4.61 -4.65 12.05
C TRP A 261 5.50 -4.82 10.83
N SER A 262 5.16 -4.13 9.74
CA SER A 262 5.94 -4.21 8.54
C SER A 262 7.31 -3.60 8.72
N SER A 263 7.44 -2.53 9.50
CA SER A 263 8.75 -1.93 9.66
C SER A 263 9.67 -2.84 10.46
N TYR A 264 9.11 -3.70 11.29
CA TYR A 264 9.95 -4.59 12.05
C TYR A 264 10.41 -5.76 11.18
N LEU A 265 9.51 -6.23 10.31
CA LEU A 265 9.85 -7.36 9.45
C LEU A 265 10.73 -6.99 8.26
N THR A 266 10.75 -5.74 7.81
CA THR A 266 11.60 -5.43 6.68
C THR A 266 12.96 -4.94 7.16
N GLY A 267 13.05 -4.62 8.44
CA GLY A 267 14.30 -4.09 8.97
C GLY A 267 14.26 -2.56 8.98
N ALA A 268 13.12 -1.96 8.65
CA ALA A 268 13.03 -0.51 8.65
C ALA A 268 13.01 0.04 10.06
N TRP A 269 12.84 -0.83 11.06
CA TRP A 269 12.81 -0.39 12.42
C TRP A 269 13.65 -1.27 13.34
N ASP A 270 14.74 -0.75 13.88
CA ASP A 270 15.56 -1.54 14.79
C ASP A 270 14.78 -1.77 16.07
N PRO A 271 14.62 -3.01 16.53
CA PRO A 271 13.78 -3.24 17.71
C PRO A 271 14.39 -2.74 19.02
N LYS A 272 15.62 -2.22 18.96
CA LYS A 272 16.26 -1.70 20.17
C LYS A 272 15.98 -0.21 20.34
N THR A 273 15.63 0.46 19.24
CA THR A 273 15.32 1.89 19.30
C THR A 273 13.82 2.12 19.39
N THR A 274 13.40 3.32 19.76
CA THR A 274 11.98 3.60 19.87
C THR A 274 11.37 3.83 18.48
N HIS A 275 10.24 3.18 18.20
CA HIS A 275 9.62 3.34 16.90
C HIS A 275 9.26 4.78 16.58
N ALA A 276 9.50 5.22 15.35
CA ALA A 276 9.15 6.57 14.99
C ALA A 276 7.69 6.88 15.24
N VAL A 277 6.81 5.87 15.24
CA VAL A 277 5.41 6.17 15.47
C VAL A 277 5.20 6.67 16.88
N VAL A 278 6.00 6.21 17.82
CA VAL A 278 5.84 6.71 19.17
C VAL A 278 6.06 8.21 19.16
N ARG A 279 7.04 8.68 18.40
CA ARG A 279 7.29 10.11 18.34
C ARG A 279 6.20 10.81 17.53
N PHE A 280 5.55 10.09 16.63
CA PHE A 280 4.49 10.70 15.85
C PHE A 280 3.26 10.87 16.74
N LYS A 281 3.10 9.97 17.70
CA LYS A 281 1.96 10.05 18.60
C LYS A 281 2.16 11.13 19.64
N ASN A 282 3.38 11.26 20.16
CA ASN A 282 3.68 12.26 21.17
C ASN A 282 3.64 13.67 20.59
N ASP A 283 4.02 13.84 19.33
CA ASP A 283 4.00 15.14 18.70
C ASP A 283 2.65 15.45 18.05
N LYS A 284 1.67 14.57 18.21
CA LYS A 284 0.36 14.77 17.58
C LYS A 284 0.54 15.00 16.09
N ALA A 285 1.18 14.02 15.43
CA ALA A 285 1.42 14.13 14.01
C ALA A 285 0.35 13.44 13.20
N ASN A 286 0.20 13.91 11.98
CA ASN A 286 -0.78 13.35 11.08
C ASN A 286 -0.28 12.02 10.55
N TYR A 287 -0.87 10.92 10.98
CA TYR A 287 -0.41 9.63 10.52
C TYR A 287 -1.48 8.56 10.64
N SER A 288 -1.42 7.51 9.82
CA SER A 288 -2.40 6.45 9.91
C SER A 288 -1.73 5.11 10.15
N LEU A 289 -2.49 4.13 10.60
CA LEU A 289 -1.92 2.81 10.82
C LEU A 289 -2.28 1.95 9.63
N ASN A 290 -1.34 1.14 9.13
CA ASN A 290 -1.66 0.35 7.97
C ASN A 290 -1.14 -1.07 8.04
N THR A 291 -1.36 -1.82 6.97
CA THR A 291 -0.97 -3.20 6.98
C THR A 291 0.15 -3.54 5.98
N ASP A 292 0.30 -2.68 4.96
CA ASP A 292 1.33 -2.85 3.94
C ASP A 292 1.26 -4.13 3.14
N ASP A 293 1.59 -5.29 3.73
CA ASP A 293 1.55 -6.53 2.95
C ASP A 293 1.13 -7.72 3.83
N PRO A 294 -0.09 -7.70 4.38
CA PRO A 294 -0.50 -8.73 5.32
C PRO A 294 -0.15 -10.17 4.91
N LEU A 295 -0.34 -10.53 3.65
CA LEU A 295 -0.01 -11.91 3.25
C LEU A 295 1.42 -12.31 3.59
N ILE A 296 2.38 -11.42 3.35
CA ILE A 296 3.76 -11.76 3.63
C ILE A 296 4.13 -11.55 5.09
N PHE A 297 3.52 -10.60 5.77
CA PHE A 297 3.87 -10.41 7.16
C PHE A 297 2.97 -11.25 8.04
N LYS A 298 2.17 -12.12 7.43
CA LYS A 298 1.30 -12.97 8.20
C LYS A 298 0.59 -12.15 9.24
N SER A 299 -0.15 -11.15 8.78
CA SER A 299 -0.84 -10.29 9.73
C SER A 299 -2.24 -9.85 9.31
N THR A 300 -2.76 -8.92 10.09
CA THR A 300 -4.08 -8.36 9.88
C THR A 300 -4.12 -6.98 10.54
N LEU A 301 -4.92 -6.06 10.01
CA LEU A 301 -4.96 -4.73 10.61
C LEU A 301 -4.88 -4.79 12.12
N ASP A 302 -5.51 -5.77 12.72
CA ASP A 302 -5.44 -5.89 14.16
C ASP A 302 -3.99 -6.06 14.65
N THR A 303 -3.20 -6.87 13.96
CA THR A 303 -1.82 -7.02 14.39
C THR A 303 -1.20 -5.67 14.71
N ASP A 304 -1.26 -4.75 13.77
CA ASP A 304 -0.68 -3.45 13.99
C ASP A 304 -1.33 -2.71 15.15
N TYR A 305 -2.64 -2.83 15.34
CA TYR A 305 -3.27 -2.13 16.45
C TYR A 305 -2.86 -2.75 17.77
N GLN A 306 -2.61 -4.06 17.80
CA GLN A 306 -2.19 -4.69 19.03
C GLN A 306 -0.75 -4.35 19.34
N MET A 307 0.07 -4.21 18.30
CA MET A 307 1.46 -3.91 18.52
C MET A 307 1.63 -2.51 19.08
N THR A 308 0.75 -1.57 18.73
CA THR A 308 0.88 -0.22 19.27
C THR A 308 0.27 -0.13 20.65
N LYS A 309 -0.77 -0.92 20.90
CA LYS A 309 -1.40 -0.89 22.21
C LYS A 309 -0.48 -1.47 23.25
N LYS A 310 -0.12 -2.74 23.10
CA LYS A 310 0.78 -3.40 24.03
C LYS A 310 2.09 -2.63 24.19
N ASP A 311 2.84 -2.51 23.11
CA ASP A 311 4.09 -1.77 23.19
C ASP A 311 3.83 -0.39 22.63
N MET A 312 4.48 0.64 23.17
CA MET A 312 4.25 1.98 22.67
C MET A 312 3.09 2.66 23.38
N GLY A 313 2.28 1.88 24.08
CA GLY A 313 1.16 2.42 24.84
C GLY A 313 0.20 3.31 24.05
N PHE A 314 -0.54 2.74 23.12
CA PHE A 314 -1.48 3.53 22.38
C PHE A 314 -2.85 3.34 23.01
N THR A 315 -3.60 4.41 23.12
CA THR A 315 -4.92 4.33 23.72
C THR A 315 -6.01 4.44 22.68
N GLU A 316 -7.25 4.23 23.09
CA GLU A 316 -8.35 4.33 22.15
C GLU A 316 -8.52 5.76 21.62
N GLU A 317 -8.20 6.81 22.41
CA GLU A 317 -8.37 8.15 21.86
C GLU A 317 -7.44 8.31 20.68
N GLU A 318 -6.22 7.82 20.84
CA GLU A 318 -5.24 7.93 19.78
C GLU A 318 -5.68 7.12 18.57
N PHE A 319 -6.40 6.03 18.78
CA PHE A 319 -6.85 5.25 17.64
C PHE A 319 -7.93 5.99 16.86
N LYS A 320 -8.84 6.67 17.55
CA LYS A 320 -9.89 7.42 16.89
C LYS A 320 -9.35 8.68 16.24
N ARG A 321 -8.30 9.20 16.83
CA ARG A 321 -7.68 10.41 16.33
C ARG A 321 -6.86 10.16 15.07
N LEU A 322 -6.08 9.08 15.05
CA LEU A 322 -5.29 8.83 13.86
C LEU A 322 -6.15 8.35 12.71
N ASN A 323 -7.34 7.80 13.02
CA ASN A 323 -8.24 7.36 11.98
C ASN A 323 -8.97 8.55 11.38
N ILE A 324 -9.34 9.53 12.22
CA ILE A 324 -10.00 10.70 11.72
C ILE A 324 -9.04 11.45 10.82
N ASN A 325 -7.74 11.43 11.15
CA ASN A 325 -6.76 12.09 10.30
C ASN A 325 -6.60 11.34 8.97
N ALA A 326 -6.65 10.02 9.02
CA ALA A 326 -6.52 9.27 7.80
C ALA A 326 -7.69 9.56 6.89
N ALA A 327 -8.87 9.80 7.45
CA ALA A 327 -10.02 10.10 6.60
C ALA A 327 -9.86 11.48 5.99
N LYS A 328 -9.27 12.40 6.75
CA LYS A 328 -9.06 13.74 6.24
C LYS A 328 -7.99 13.71 5.17
N SER A 329 -6.97 12.87 5.38
CA SER A 329 -5.88 12.77 4.45
C SER A 329 -6.19 11.88 3.25
N SER A 330 -7.31 11.17 3.27
CA SER A 330 -7.67 10.33 2.15
C SER A 330 -7.73 11.13 0.86
N PHE A 331 -7.65 10.45 -0.28
CA PHE A 331 -7.70 11.15 -1.55
C PHE A 331 -9.11 11.12 -2.11
N LEU A 332 -10.09 11.12 -1.23
CA LEU A 332 -11.47 11.12 -1.68
C LEU A 332 -11.80 12.52 -2.15
N PRO A 333 -12.84 12.72 -2.96
CA PRO A 333 -13.18 14.09 -3.30
C PRO A 333 -13.85 14.73 -2.09
N GLU A 334 -13.81 16.05 -1.96
CA GLU A 334 -14.39 16.71 -0.80
C GLU A 334 -15.71 16.11 -0.32
N GLU A 335 -16.71 16.08 -1.20
CA GLU A 335 -18.01 15.56 -0.84
C GLU A 335 -17.95 14.18 -0.20
N GLU A 336 -17.27 13.24 -0.84
CA GLU A 336 -17.17 11.90 -0.29
C GLU A 336 -16.39 11.87 1.01
N LYS A 337 -15.36 12.70 1.08
CA LYS A 337 -14.53 12.76 2.26
C LYS A 337 -15.35 13.25 3.43
N LYS A 338 -16.25 14.21 3.18
CA LYS A 338 -17.11 14.72 4.24
C LYS A 338 -17.96 13.60 4.75
N GLU A 339 -18.57 12.81 3.85
CA GLU A 339 -19.40 11.70 4.29
C GLU A 339 -18.62 10.73 5.16
N LEU A 340 -17.37 10.44 4.77
CA LEU A 340 -16.55 9.54 5.55
C LEU A 340 -16.37 10.08 6.95
N LEU A 341 -16.12 11.37 7.07
CA LEU A 341 -15.93 11.99 8.37
C LEU A 341 -17.20 12.03 9.16
N GLU A 342 -18.31 12.12 8.44
CA GLU A 342 -19.60 12.17 9.08
C GLU A 342 -19.91 10.82 9.69
N ARG A 343 -19.41 9.78 9.02
CA ARG A 343 -19.60 8.40 9.44
C ARG A 343 -18.78 8.05 10.68
N LEU A 344 -17.48 8.30 10.65
CA LEU A 344 -16.66 7.93 11.78
C LEU A 344 -17.10 8.63 13.06
N TYR A 345 -17.43 9.91 12.97
CA TYR A 345 -17.84 10.62 14.16
C TYR A 345 -19.09 10.02 14.77
N ARG A 346 -20.04 9.62 13.93
CA ARG A 346 -21.25 9.01 14.42
C ARG A 346 -20.94 7.68 15.07
N GLU A 347 -19.98 6.97 14.51
CA GLU A 347 -19.62 5.68 15.06
C GLU A 347 -18.61 5.82 16.17
N TYR A 348 -18.00 6.96 16.35
CA TYR A 348 -17.03 7.07 17.43
C TYR A 348 -17.67 7.64 18.69
N GLN A 349 -18.92 8.07 18.59
CA GLN A 349 -19.62 8.64 19.72
C GLN A 349 -19.82 7.60 20.79
ZN ZN B . 4.12 -0.19 0.88
O5' 1DA C . 2.14 -3.57 -4.68
C5' 1DA C . 2.91 -3.21 -5.82
C4' 1DA C . 4.39 -3.54 -5.62
O4' 1DA C . 4.94 -2.75 -4.56
C3' 1DA C . 4.65 -4.99 -5.23
O3' 1DA C . 4.76 -5.88 -6.36
C2' 1DA C . 5.94 -4.91 -4.43
O2' 1DA C . 6.97 -4.98 -5.42
C1' 1DA C . 6.00 -3.47 -3.93
N9 1DA C . 5.97 -3.45 -2.52
C8 1DA C . 5.19 -4.17 -1.71
N7 1DA C . 5.48 -3.94 -0.42
C5 1DA C . 6.55 -3.11 -0.45
C6 1DA C . 7.31 -2.56 0.55
N6 1DA C . 7.12 -2.88 1.83
C1 1DA C . 8.30 -1.67 0.19
C2 1DA C . 8.52 -1.35 -1.15
N3 1DA C . 7.77 -1.89 -2.09
C4 1DA C . 6.80 -2.76 -1.73
#